data_6B8Y
#
_entry.id   6B8Y
#
_cell.length_a   42.110
_cell.length_b   77.030
_cell.length_c   90.440
_cell.angle_alpha   90.000
_cell.angle_beta   90.000
_cell.angle_gamma   90.000
#
_symmetry.space_group_name_H-M   'P 21 21 21'
#
loop_
_entity.id
_entity.type
_entity.pdbx_description
1 polymer 'TGF-beta receptor type-1'
2 non-polymer N-(3-fluoropyridin-4-yl)-2-[6-(trifluoromethyl)pyridin-2-yl]-7H-pyrrolo[2,3-d]pyrimidin-4-amine
3 water water
#
_entity_poly.entity_id   1
_entity_poly.type   'polypeptide(L)'
_entity_poly.pdbx_seq_one_letter_code
;GHMTIARDIVLQESIGKGRFGEVWRGKWRGEEVAVKIFSSREERSWFREAEIYQTVMLRHENILGFIAADNKDNGTWTQL
WLVSDYHEHGSLFDYLNRYTVTVEGMIKLALSTASGLAHLHMEIVGTQGKPAIAHRDLKSKNILVKKNGTCCIADLGLAV
RHDSATDTIDIAPNHRVGTKRYMAPEVLDDSINMKHFESFKRADIYAMGLVFWEIARRCSIGGIHEDYQLPYYDLVPSDP
SVEEMRKVVCEQKLRPNIPNRWQSCEALRVMAKIMRECWYANGAARLTALRIKKTLSQLSQQEGIKM
;
_entity_poly.pdbx_strand_id   A
#
# COMPACT_ATOMS: atom_id res chain seq x y z
N HIS A 2 -20.48 20.53 -12.78
CA HIS A 2 -19.62 20.76 -11.63
C HIS A 2 -18.72 19.57 -11.30
N MET A 3 -19.23 18.33 -11.45
CA MET A 3 -18.45 17.12 -11.15
C MET A 3 -17.38 16.86 -12.23
N THR A 4 -16.27 16.24 -11.83
CA THR A 4 -15.16 15.89 -12.72
C THR A 4 -15.58 14.71 -13.60
N ILE A 5 -15.45 14.90 -14.93
CA ILE A 5 -15.77 13.87 -15.92
C ILE A 5 -14.64 13.76 -16.95
N ALA A 6 -14.46 12.56 -17.56
CA ALA A 6 -13.35 12.29 -18.48
C ALA A 6 -13.28 13.19 -19.70
N ARG A 7 -14.44 13.63 -20.23
CA ARG A 7 -14.45 14.46 -21.43
C ARG A 7 -13.74 15.82 -21.26
N ASP A 8 -13.65 16.29 -20.02
CA ASP A 8 -13.07 17.57 -19.61
C ASP A 8 -11.59 17.44 -19.16
N ILE A 9 -10.99 16.26 -19.32
CA ILE A 9 -9.62 16.05 -18.87
C ILE A 9 -8.73 15.87 -20.07
N VAL A 10 -7.54 16.53 -20.03
CA VAL A 10 -6.57 16.46 -21.11
C VAL A 10 -5.30 15.79 -20.59
N LEU A 11 -4.89 14.67 -21.21
CA LEU A 11 -3.68 13.96 -20.77
C LEU A 11 -2.45 14.80 -21.18
N GLN A 12 -1.45 14.84 -20.27
CA GLN A 12 -0.25 15.63 -20.51
C GLN A 12 1.05 14.82 -20.50
N GLU A 13 1.12 13.79 -19.64
CA GLU A 13 2.40 13.09 -19.44
C GLU A 13 2.17 11.70 -18.93
N SER A 14 2.94 10.73 -19.46
CA SER A 14 2.87 9.34 -18.99
C SER A 14 3.60 9.22 -17.66
N ILE A 15 2.95 8.57 -16.67
CA ILE A 15 3.53 8.42 -15.33
C ILE A 15 4.11 7.02 -15.20
N GLY A 16 3.34 6.00 -15.60
CA GLY A 16 3.80 4.63 -15.45
C GLY A 16 2.68 3.61 -15.50
N LYS A 17 2.97 2.35 -15.13
CA LYS A 17 1.95 1.29 -15.25
C LYS A 17 2.19 0.23 -14.22
N GLY A 18 1.11 -0.19 -13.58
CA GLY A 18 1.13 -1.25 -12.59
C GLY A 18 0.59 -2.52 -13.21
N ARG A 19 -0.10 -3.35 -12.40
CA ARG A 19 -0.65 -4.62 -12.87
C ARG A 19 -1.63 -4.44 -14.02
N PHE A 20 -2.63 -3.58 -13.82
CA PHE A 20 -3.67 -3.25 -14.79
C PHE A 20 -3.75 -1.74 -14.86
N GLY A 21 -3.86 -1.23 -16.08
CA GLY A 21 -4.06 0.21 -16.27
C GLY A 21 -2.80 1.05 -16.31
N GLU A 22 -2.80 2.01 -17.22
CA GLU A 22 -1.66 2.89 -17.43
C GLU A 22 -2.01 4.22 -16.83
N VAL A 23 -1.06 4.76 -16.06
CA VAL A 23 -1.27 6.01 -15.35
C VAL A 23 -0.65 7.19 -16.09
N TRP A 24 -1.45 8.27 -16.20
CA TRP A 24 -1.02 9.51 -16.83
C TRP A 24 -1.34 10.69 -15.90
N ARG A 25 -0.60 11.80 -16.08
CA ARG A 25 -0.89 13.07 -15.44
C ARG A 25 -1.76 13.81 -16.49
N GLY A 26 -2.84 14.41 -16.02
CA GLY A 26 -3.81 15.13 -16.86
C GLY A 26 -4.25 16.41 -16.20
N LYS A 27 -4.92 17.28 -16.95
CA LYS A 27 -5.38 18.55 -16.43
C LYS A 27 -6.89 18.61 -16.52
N TRP A 28 -7.54 18.96 -15.39
CA TRP A 28 -8.99 19.09 -15.34
C TRP A 28 -9.30 20.44 -14.72
N ARG A 29 -9.98 21.31 -15.50
CA ARG A 29 -10.37 22.65 -15.05
C ARG A 29 -9.22 23.36 -14.33
N GLY A 30 -8.07 23.38 -15.00
CA GLY A 30 -6.83 24.01 -14.56
C GLY A 30 -6.02 23.26 -13.52
N GLU A 31 -6.54 22.11 -12.99
CA GLU A 31 -5.87 21.36 -11.92
C GLU A 31 -5.23 20.08 -12.44
N GLU A 32 -4.15 19.65 -11.80
CA GLU A 32 -3.55 18.37 -12.19
C GLU A 32 -4.32 17.23 -11.53
N VAL A 33 -4.53 16.15 -12.27
CA VAL A 33 -5.15 14.91 -11.77
C VAL A 33 -4.37 13.72 -12.30
N ALA A 34 -4.55 12.54 -11.70
CA ALA A 34 -3.91 11.35 -12.24
C ALA A 34 -5.04 10.58 -12.88
N VAL A 35 -4.76 9.95 -13.99
CA VAL A 35 -5.75 9.17 -14.71
C VAL A 35 -5.19 7.77 -14.97
N LYS A 36 -5.95 6.71 -14.61
CA LYS A 36 -5.54 5.33 -14.89
C LYS A 36 -6.48 4.85 -15.97
N ILE A 37 -5.87 4.45 -17.10
CA ILE A 37 -6.59 4.05 -18.30
C ILE A 37 -6.52 2.57 -18.54
N PHE A 38 -7.69 1.98 -18.79
CA PHE A 38 -7.86 0.56 -19.07
C PHE A 38 -8.52 0.37 -20.44
N SER A 39 -8.21 -0.74 -21.11
CA SER A 39 -8.89 -1.04 -22.36
C SER A 39 -10.26 -1.72 -22.04
N SER A 40 -11.12 -1.83 -23.06
CA SER A 40 -12.44 -2.45 -22.93
C SER A 40 -12.37 -3.88 -22.41
N ARG A 41 -11.32 -4.64 -22.78
CA ARG A 41 -11.20 -6.03 -22.31
C ARG A 41 -10.74 -6.13 -20.83
N GLU A 42 -10.39 -4.97 -20.20
CA GLU A 42 -9.97 -4.92 -18.80
C GLU A 42 -11.11 -4.36 -17.93
N GLU A 43 -12.36 -4.42 -18.43
CA GLU A 43 -13.52 -3.90 -17.69
C GLU A 43 -13.62 -4.46 -16.28
N ARG A 44 -13.38 -5.77 -16.09
CA ARG A 44 -13.50 -6.36 -14.75
C ARG A 44 -12.54 -5.71 -13.73
N SER A 45 -11.28 -5.46 -14.12
CA SER A 45 -10.24 -4.85 -13.27
C SER A 45 -10.57 -3.38 -12.99
N TRP A 46 -11.02 -2.66 -14.02
CA TRP A 46 -11.41 -1.27 -13.86
C TRP A 46 -12.62 -1.19 -12.89
N PHE A 47 -13.66 -2.02 -13.13
CA PHE A 47 -14.87 -1.96 -12.31
C PHE A 47 -14.56 -2.29 -10.85
N ARG A 48 -13.77 -3.37 -10.63
CA ARG A 48 -13.42 -3.76 -9.25
C ARG A 48 -12.70 -2.63 -8.50
N GLU A 49 -11.72 -1.96 -9.15
CA GLU A 49 -11.03 -0.87 -8.48
C GLU A 49 -12.01 0.32 -8.24
N ALA A 50 -12.88 0.63 -9.23
CA ALA A 50 -13.90 1.68 -9.05
C ALA A 50 -14.82 1.33 -7.84
N GLU A 51 -15.22 0.07 -7.74
CA GLU A 51 -16.09 -0.42 -6.67
C GLU A 51 -15.42 -0.25 -5.29
N ILE A 52 -14.14 -0.67 -5.18
CA ILE A 52 -13.45 -0.49 -3.89
C ILE A 52 -13.34 0.97 -3.53
N TYR A 53 -12.92 1.82 -4.48
CA TYR A 53 -12.78 3.24 -4.16
C TYR A 53 -14.09 3.95 -3.85
N GLN A 54 -15.21 3.40 -4.31
CA GLN A 54 -16.52 4.02 -4.04
C GLN A 54 -17.13 3.54 -2.70
N THR A 55 -16.39 2.69 -1.96
CA THR A 55 -16.86 2.21 -0.67
C THR A 55 -17.22 3.37 0.25
N VAL A 56 -18.37 3.23 0.91
CA VAL A 56 -18.82 4.24 1.85
CA VAL A 56 -19.29 4.51 1.98
C VAL A 56 -17.79 4.48 2.95
N MET A 57 -17.54 5.77 3.27
CA MET A 57 -16.65 6.21 4.35
C MET A 57 -15.17 5.86 4.12
N LEU A 58 -14.79 5.55 2.86
CA LEU A 58 -13.39 5.19 2.62
C LEU A 58 -12.42 6.35 2.72
N ARG A 59 -12.84 7.56 2.26
CA ARG A 59 -11.92 8.68 2.17
C ARG A 59 -11.15 8.96 3.45
N HIS A 60 -9.86 9.22 3.29
CA HIS A 60 -8.93 9.41 4.42
C HIS A 60 -7.71 10.09 3.89
N GLU A 61 -7.04 10.93 4.70
CA GLU A 61 -5.87 11.64 4.20
C GLU A 61 -4.75 10.72 3.74
N ASN A 62 -4.74 9.46 4.24
CA ASN A 62 -3.67 8.52 3.86
C ASN A 62 -4.14 7.39 2.93
N ILE A 63 -5.23 7.67 2.19
CA ILE A 63 -5.75 6.80 1.13
C ILE A 63 -5.86 7.72 -0.11
N LEU A 64 -5.35 7.26 -1.26
CA LEU A 64 -5.41 8.06 -2.49
C LEU A 64 -6.83 8.58 -2.72
N GLY A 65 -6.94 9.90 -2.93
CA GLY A 65 -8.23 10.55 -3.12
C GLY A 65 -8.86 10.20 -4.46
N PHE A 66 -9.93 9.42 -4.44
CA PHE A 66 -10.62 9.00 -5.68
C PHE A 66 -11.54 10.12 -6.15
N ILE A 67 -11.55 10.38 -7.45
CA ILE A 67 -12.42 11.43 -8.01
C ILE A 67 -13.58 10.84 -8.80
N ALA A 68 -13.28 9.98 -9.79
CA ALA A 68 -14.35 9.48 -10.63
C ALA A 68 -13.96 8.24 -11.40
N ALA A 69 -14.98 7.48 -11.85
CA ALA A 69 -14.84 6.40 -12.80
C ALA A 69 -15.68 6.87 -14.01
N ASP A 70 -15.14 6.75 -15.23
CA ASP A 70 -15.86 7.19 -16.42
C ASP A 70 -15.37 6.44 -17.66
N ASN A 71 -16.00 6.68 -18.80
CA ASN A 71 -15.59 6.08 -20.06
C ASN A 71 -15.24 7.25 -20.96
N LYS A 72 -14.34 7.01 -21.91
CA LYS A 72 -14.03 8.03 -22.92
C LYS A 72 -13.91 7.37 -24.28
N ASP A 73 -14.80 7.73 -25.20
CA ASP A 73 -14.79 7.19 -26.56
C ASP A 73 -14.05 8.15 -27.46
N ASN A 74 -12.93 7.74 -28.07
CA ASN A 74 -12.20 8.66 -28.94
C ASN A 74 -12.71 8.71 -30.40
N GLY A 75 -13.71 7.88 -30.70
CA GLY A 75 -14.28 7.76 -32.04
C GLY A 75 -13.93 6.45 -32.69
N THR A 76 -12.89 5.75 -32.18
CA THR A 76 -12.44 4.43 -32.66
C THR A 76 -12.62 3.35 -31.58
N TRP A 77 -12.13 3.64 -30.35
CA TRP A 77 -12.30 2.74 -29.22
C TRP A 77 -12.66 3.48 -27.96
N THR A 78 -13.17 2.71 -26.96
CA THR A 78 -13.54 3.24 -25.66
C THR A 78 -12.46 2.91 -24.65
N GLN A 79 -12.04 3.93 -23.90
CA GLN A 79 -11.08 3.78 -22.80
C GLN A 79 -11.93 3.82 -21.52
N LEU A 80 -11.54 3.03 -20.50
CA LEU A 80 -12.21 3.04 -19.19
C LEU A 80 -11.25 3.76 -18.24
N TRP A 81 -11.71 4.85 -17.64
CA TRP A 81 -10.87 5.74 -16.84
C TRP A 81 -11.20 5.69 -15.36
N LEU A 82 -10.18 5.81 -14.54
CA LEU A 82 -10.28 6.07 -13.10
C LEU A 82 -9.47 7.34 -12.89
N VAL A 83 -10.01 8.29 -12.17
CA VAL A 83 -9.36 9.58 -11.95
C VAL A 83 -9.12 9.80 -10.45
N SER A 84 -7.95 10.31 -10.08
CA SER A 84 -7.65 10.57 -8.67
C SER A 84 -6.87 11.85 -8.53
N ASP A 85 -6.59 12.24 -7.28
CA ASP A 85 -5.67 13.32 -6.99
C ASP A 85 -4.30 12.99 -7.61
N TYR A 86 -3.53 14.03 -7.93
CA TYR A 86 -2.17 13.90 -8.45
C TYR A 86 -1.17 14.24 -7.37
N HIS A 87 -0.13 13.41 -7.23
CA HIS A 87 0.95 13.63 -6.27
C HIS A 87 2.29 13.59 -7.02
N GLU A 88 2.90 14.76 -7.20
CA GLU A 88 4.15 14.98 -7.95
C GLU A 88 5.29 14.02 -7.58
N HIS A 89 5.44 13.69 -6.30
CA HIS A 89 6.53 12.77 -5.88
C HIS A 89 6.34 11.34 -6.41
N GLY A 90 5.10 10.99 -6.76
CA GLY A 90 4.82 9.63 -7.21
C GLY A 90 4.94 8.64 -6.06
N SER A 91 5.35 7.39 -6.38
CA SER A 91 5.41 6.32 -5.38
C SER A 91 6.47 6.52 -4.29
N LEU A 92 6.25 5.85 -3.16
CA LEU A 92 7.19 5.83 -2.05
C LEU A 92 8.45 5.11 -2.57
N PHE A 93 8.27 4.13 -3.50
CA PHE A 93 9.42 3.43 -4.11
C PHE A 93 10.30 4.48 -4.80
N ASP A 94 9.71 5.34 -5.65
CA ASP A 94 10.45 6.39 -6.35
C ASP A 94 11.11 7.37 -5.37
N TYR A 95 10.34 7.83 -4.38
CA TYR A 95 10.80 8.78 -3.36
C TYR A 95 12.02 8.24 -2.60
N LEU A 96 11.97 6.97 -2.15
CA LEU A 96 13.07 6.36 -1.39
C LEU A 96 14.28 6.10 -2.26
N ASN A 97 14.07 5.85 -3.54
CA ASN A 97 15.19 5.69 -4.46
C ASN A 97 15.92 7.04 -4.65
N ARG A 98 15.17 8.14 -4.72
CA ARG A 98 15.74 9.46 -4.98
C ARG A 98 16.29 10.18 -3.77
N TYR A 99 15.67 9.96 -2.62
CA TYR A 99 16.03 10.71 -1.42
C TYR A 99 16.38 9.86 -0.24
N THR A 100 17.06 10.51 0.72
CA THR A 100 17.28 9.98 2.04
C THR A 100 16.30 10.80 2.85
N VAL A 101 15.92 10.31 4.02
CA VAL A 101 14.98 11.01 4.87
C VAL A 101 15.60 11.30 6.23
N THR A 102 15.06 12.30 6.96
CA THR A 102 15.50 12.59 8.31
C THR A 102 14.77 11.58 9.24
N VAL A 103 15.05 11.64 10.55
CA VAL A 103 14.36 10.81 11.54
C VAL A 103 12.87 11.22 11.53
N GLU A 104 12.61 12.56 11.49
CA GLU A 104 11.26 13.11 11.42
C GLU A 104 10.58 12.62 10.12
N GLY A 105 11.30 12.68 9.00
CA GLY A 105 10.87 12.27 7.67
C GLY A 105 10.43 10.81 7.66
N MET A 106 11.28 9.94 8.24
CA MET A 106 10.96 8.51 8.35
C MET A 106 9.67 8.26 9.15
N ILE A 107 9.56 8.92 10.33
CA ILE A 107 8.40 8.75 11.19
C ILE A 107 7.13 9.22 10.48
N LYS A 108 7.22 10.35 9.73
CA LYS A 108 6.09 10.89 8.98
C LYS A 108 5.60 9.89 7.92
N LEU A 109 6.52 9.25 7.19
CA LEU A 109 6.16 8.25 6.16
C LEU A 109 5.55 6.98 6.77
N ALA A 110 6.17 6.45 7.85
CA ALA A 110 5.69 5.25 8.51
C ALA A 110 4.32 5.44 9.20
N LEU A 111 4.16 6.53 9.96
CA LEU A 111 2.93 6.85 10.66
C LEU A 111 1.79 7.04 9.66
N SER A 112 2.02 7.81 8.59
CA SER A 112 0.97 8.03 7.57
C SER A 112 0.58 6.71 6.91
N THR A 113 1.57 5.83 6.59
CA THR A 113 1.29 4.52 6.00
C THR A 113 0.42 3.69 6.95
N ALA A 114 0.81 3.63 8.27
CA ALA A 114 0.05 2.84 9.24
C ALA A 114 -1.35 3.41 9.44
N SER A 115 -1.50 4.75 9.40
CA SER A 115 -2.81 5.42 9.58
C SER A 115 -3.75 5.08 8.39
N GLY A 116 -3.21 5.08 7.17
CA GLY A 116 -4.01 4.69 6.00
C GLY A 116 -4.44 3.23 6.08
N LEU A 117 -3.52 2.34 6.46
CA LEU A 117 -3.85 0.93 6.56
C LEU A 117 -4.84 0.67 7.69
N ALA A 118 -4.72 1.42 8.81
CA ALA A 118 -5.64 1.27 9.94
C ALA A 118 -7.05 1.66 9.46
N HIS A 119 -7.17 2.76 8.71
CA HIS A 119 -8.47 3.19 8.16
C HIS A 119 -9.01 2.14 7.19
N LEU A 120 -8.18 1.66 6.24
CA LEU A 120 -8.64 0.63 5.32
C LEU A 120 -9.17 -0.56 6.13
N HIS A 121 -8.39 -1.05 7.12
CA HIS A 121 -8.75 -2.22 7.92
C HIS A 121 -9.97 -2.07 8.86
N MET A 122 -10.22 -0.87 9.35
CA MET A 122 -11.27 -0.55 10.33
C MET A 122 -12.70 -0.77 9.78
N GLU A 123 -13.50 -1.51 10.54
CA GLU A 123 -14.92 -1.66 10.24
C GLU A 123 -15.62 -0.57 11.05
N ILE A 124 -16.62 0.10 10.44
CA ILE A 124 -17.41 1.12 11.13
C ILE A 124 -18.84 0.56 11.05
N VAL A 125 -19.47 0.23 12.20
CA VAL A 125 -20.84 -0.29 12.09
C VAL A 125 -21.82 0.89 12.26
N GLY A 126 -22.98 0.79 11.64
CA GLY A 126 -23.99 1.84 11.70
C GLY A 126 -24.57 2.13 10.34
N THR A 127 -25.50 3.12 10.25
CA THR A 127 -26.21 3.49 9.02
C THR A 127 -25.24 3.68 7.85
N GLN A 128 -24.38 4.70 7.93
CA GLN A 128 -23.36 4.91 6.91
C GLN A 128 -22.13 4.20 7.48
N GLY A 129 -22.14 2.88 7.43
CA GLY A 129 -21.03 2.11 7.98
C GLY A 129 -19.82 2.21 7.06
N LYS A 130 -18.91 1.29 7.22
CA LYS A 130 -17.74 1.10 6.38
C LYS A 130 -17.31 -0.34 6.58
N PRO A 131 -17.28 -1.19 5.55
CA PRO A 131 -16.79 -2.56 5.76
C PRO A 131 -15.27 -2.51 5.95
N ALA A 132 -14.73 -3.49 6.64
CA ALA A 132 -13.29 -3.65 6.76
C ALA A 132 -12.80 -4.07 5.35
N ILE A 133 -11.64 -3.53 4.96
CA ILE A 133 -11.06 -3.81 3.65
C ILE A 133 -9.60 -4.26 3.87
N ALA A 134 -9.18 -5.33 3.20
CA ALA A 134 -7.79 -5.79 3.22
C ALA A 134 -7.26 -5.49 1.82
N HIS A 135 -6.02 -5.04 1.73
CA HIS A 135 -5.39 -4.55 0.50
C HIS A 135 -4.97 -5.67 -0.47
N ARG A 136 -4.18 -6.64 0.06
CA ARG A 136 -3.65 -7.84 -0.64
CA ARG A 136 -3.66 -7.83 -0.66
C ARG A 136 -2.48 -7.56 -1.61
N ASP A 137 -2.07 -6.29 -1.76
CA ASP A 137 -0.90 -6.00 -2.61
C ASP A 137 -0.15 -4.76 -2.07
N LEU A 138 0.04 -4.68 -0.74
CA LEU A 138 0.74 -3.52 -0.17
C LEU A 138 2.22 -3.63 -0.46
N LYS A 139 2.81 -2.54 -0.93
CA LYS A 139 4.23 -2.47 -1.27
C LYS A 139 4.59 -1.02 -1.51
N SER A 140 5.89 -0.72 -1.57
CA SER A 140 6.32 0.67 -1.73
C SER A 140 5.90 1.27 -3.08
N LYS A 141 5.73 0.47 -4.15
CA LYS A 141 5.25 1.01 -5.45
C LYS A 141 3.75 1.33 -5.41
N ASN A 142 3.02 0.82 -4.38
CA ASN A 142 1.57 1.05 -4.20
C ASN A 142 1.23 2.05 -3.10
N ILE A 143 2.22 2.86 -2.71
CA ILE A 143 2.05 3.95 -1.72
C ILE A 143 2.62 5.19 -2.40
N LEU A 144 1.95 6.33 -2.24
CA LEU A 144 2.39 7.57 -2.88
C LEU A 144 2.79 8.53 -1.80
N VAL A 145 3.66 9.49 -2.14
CA VAL A 145 4.12 10.51 -1.17
C VAL A 145 3.59 11.89 -1.59
N LYS A 146 2.91 12.54 -0.66
CA LYS A 146 2.32 13.86 -0.86
C LYS A 146 3.40 14.95 -0.65
N LYS A 147 3.06 16.19 -1.03
CA LYS A 147 3.97 17.34 -0.87
C LYS A 147 4.40 17.54 0.61
N ASN A 148 3.50 17.27 1.58
CA ASN A 148 3.81 17.45 3.00
C ASN A 148 4.64 16.32 3.62
N GLY A 149 5.18 15.42 2.79
CA GLY A 149 5.99 14.30 3.24
C GLY A 149 5.25 13.17 3.91
N THR A 150 3.91 13.08 3.71
CA THR A 150 3.09 11.99 4.24
C THR A 150 2.66 11.11 3.06
N CYS A 151 2.25 9.89 3.37
CA CYS A 151 1.89 8.86 2.40
C CYS A 151 0.40 8.70 2.24
N CYS A 152 0.01 8.15 1.09
CA CYS A 152 -1.35 7.72 0.88
C CYS A 152 -1.33 6.41 0.10
N ILE A 153 -2.13 5.46 0.57
CA ILE A 153 -2.16 4.13 -0.04
C ILE A 153 -3.00 4.14 -1.33
N ALA A 154 -2.50 3.44 -2.35
CA ALA A 154 -3.15 3.33 -3.67
C ALA A 154 -3.19 1.85 -4.09
N ASP A 155 -3.64 1.61 -5.30
CA ASP A 155 -3.73 0.28 -5.94
C ASP A 155 -4.66 -0.66 -5.18
N LEU A 156 -5.96 -0.33 -5.16
CA LEU A 156 -6.92 -1.12 -4.39
C LEU A 156 -7.65 -2.20 -5.19
N GLY A 157 -7.23 -2.48 -6.43
CA GLY A 157 -7.90 -3.43 -7.31
C GLY A 157 -8.00 -4.88 -6.81
N LEU A 158 -7.07 -5.28 -5.93
CA LEU A 158 -7.08 -6.66 -5.44
C LEU A 158 -7.69 -6.73 -4.06
N ALA A 159 -8.20 -5.59 -3.54
CA ALA A 159 -8.77 -5.57 -2.20
C ALA A 159 -9.96 -6.51 -2.03
N VAL A 160 -10.19 -6.91 -0.77
CA VAL A 160 -11.32 -7.74 -0.37
C VAL A 160 -12.08 -6.98 0.74
N ARG A 161 -13.42 -7.02 0.69
CA ARG A 161 -14.21 -6.32 1.70
C ARG A 161 -14.97 -7.32 2.56
N HIS A 162 -15.07 -7.05 3.84
CA HIS A 162 -15.73 -7.97 4.80
C HIS A 162 -17.10 -7.47 5.25
N ASP A 163 -18.09 -8.38 5.36
CA ASP A 163 -19.41 -8.05 5.93
C ASP A 163 -19.50 -8.78 7.29
N SER A 164 -19.38 -8.04 8.41
CA SER A 164 -19.40 -8.65 9.76
C SER A 164 -20.69 -9.41 10.07
N ALA A 165 -21.85 -8.82 9.71
CA ALA A 165 -23.21 -9.34 9.92
C ALA A 165 -23.45 -10.75 9.34
N THR A 166 -22.71 -11.11 8.27
CA THR A 166 -22.82 -12.41 7.62
C THR A 166 -21.50 -13.19 7.61
N ASP A 167 -20.40 -12.56 8.10
CA ASP A 167 -19.02 -13.09 8.15
C ASP A 167 -18.53 -13.53 6.76
N THR A 168 -18.96 -12.79 5.73
CA THR A 168 -18.58 -13.11 4.36
C THR A 168 -17.64 -12.06 3.77
N ILE A 169 -16.89 -12.49 2.75
CA ILE A 169 -16.01 -11.61 1.99
C ILE A 169 -16.76 -11.38 0.67
N ASP A 170 -16.70 -10.15 0.11
CA ASP A 170 -17.51 -9.82 -1.06
C ASP A 170 -17.16 -10.57 -2.35
N ILE A 171 -15.98 -11.17 -2.44
CA ILE A 171 -15.58 -11.96 -3.61
C ILE A 171 -15.08 -13.32 -3.15
N ALA A 172 -14.93 -14.27 -4.09
CA ALA A 172 -14.36 -15.59 -3.83
C ALA A 172 -12.88 -15.37 -4.13
N PRO A 173 -12.00 -15.18 -3.11
CA PRO A 173 -10.61 -14.82 -3.41
C PRO A 173 -9.74 -15.94 -3.96
N ASN A 174 -8.93 -15.59 -4.97
CA ASN A 174 -7.96 -16.47 -5.60
C ASN A 174 -6.70 -16.45 -4.71
N HIS A 175 -5.89 -17.51 -4.78
CA HIS A 175 -4.69 -17.65 -3.97
C HIS A 175 -3.55 -16.90 -4.62
N ARG A 176 -2.60 -16.39 -3.80
CA ARG A 176 -1.35 -15.77 -4.24
C ARG A 176 -1.54 -14.73 -5.37
N VAL A 177 -2.39 -13.69 -5.13
CA VAL A 177 -2.72 -12.66 -6.14
C VAL A 177 -1.72 -11.48 -6.26
N GLY A 178 -1.09 -11.16 -5.15
CA GLY A 178 -0.21 -9.99 -5.05
C GLY A 178 1.19 -10.13 -5.60
N THR A 179 2.04 -9.21 -5.19
CA THR A 179 3.45 -9.17 -5.60
C THR A 179 4.17 -10.22 -4.77
N LYS A 180 4.84 -11.14 -5.47
CA LYS A 180 5.46 -12.31 -4.82
C LYS A 180 6.44 -11.94 -3.73
N ARG A 181 7.30 -10.93 -3.96
CA ARG A 181 8.28 -10.51 -2.99
C ARG A 181 7.66 -10.14 -1.63
N TYR A 182 6.45 -9.58 -1.62
CA TYR A 182 5.84 -9.11 -0.38
C TYR A 182 4.80 -10.07 0.21
N MET A 183 4.62 -11.24 -0.40
CA MET A 183 3.64 -12.21 0.10
C MET A 183 4.02 -12.74 1.47
N ALA A 184 3.03 -12.79 2.39
CA ALA A 184 3.28 -13.27 3.73
C ALA A 184 3.63 -14.77 3.71
N PRO A 185 4.36 -15.29 4.73
CA PRO A 185 4.68 -16.73 4.74
C PRO A 185 3.47 -17.65 4.49
N GLU A 186 2.33 -17.34 5.15
CA GLU A 186 1.10 -18.15 5.01
C GLU A 186 0.50 -18.08 3.60
N VAL A 187 0.79 -17.01 2.86
CA VAL A 187 0.33 -16.90 1.48
C VAL A 187 1.28 -17.73 0.60
N LEU A 188 2.60 -17.59 0.82
CA LEU A 188 3.62 -18.35 0.09
C LEU A 188 3.47 -19.89 0.21
N ASP A 189 3.20 -20.41 1.42
CA ASP A 189 3.05 -21.87 1.61
C ASP A 189 1.59 -22.35 1.47
N ASP A 190 0.66 -21.41 1.21
CA ASP A 190 -0.78 -21.64 1.01
C ASP A 190 -1.50 -22.23 2.27
N SER A 191 -0.99 -21.92 3.47
CA SER A 191 -1.59 -22.35 4.75
C SER A 191 -2.63 -21.32 5.25
N ILE A 192 -2.73 -20.18 4.54
CA ILE A 192 -3.66 -19.11 4.88
C ILE A 192 -5.10 -19.63 4.83
N ASN A 193 -5.89 -19.31 5.84
CA ASN A 193 -7.30 -19.69 5.83
C ASN A 193 -8.06 -18.50 5.24
N MET A 194 -8.37 -18.60 3.96
CA MET A 194 -9.03 -17.51 3.22
C MET A 194 -10.52 -17.31 3.55
N LYS A 195 -11.08 -18.13 4.45
CA LYS A 195 -12.48 -17.98 4.89
C LYS A 195 -12.53 -17.05 6.11
N HIS A 196 -11.36 -16.79 6.73
CA HIS A 196 -11.26 -15.87 7.86
C HIS A 196 -10.68 -14.57 7.32
N PHE A 197 -11.49 -13.51 7.30
CA PHE A 197 -11.08 -12.20 6.81
C PHE A 197 -9.85 -11.65 7.54
N GLU A 198 -9.73 -11.90 8.87
CA GLU A 198 -8.59 -11.43 9.66
C GLU A 198 -7.25 -11.91 9.04
N SER A 199 -7.25 -13.08 8.35
CA SER A 199 -6.04 -13.63 7.69
C SER A 199 -5.46 -12.61 6.67
N PHE A 200 -6.37 -11.96 5.90
CA PHE A 200 -5.94 -10.94 4.91
C PHE A 200 -5.39 -9.68 5.58
N LYS A 201 -5.95 -9.24 6.74
CA LYS A 201 -5.44 -8.06 7.42
C LYS A 201 -4.02 -8.35 7.94
N ARG A 202 -3.84 -9.56 8.49
CA ARG A 202 -2.55 -9.95 9.04
C ARG A 202 -1.47 -10.03 7.97
N ALA A 203 -1.85 -10.52 6.77
CA ALA A 203 -0.89 -10.60 5.65
C ALA A 203 -0.49 -9.20 5.18
N ASP A 204 -1.44 -8.23 5.22
CA ASP A 204 -1.12 -6.84 4.89
C ASP A 204 -0.08 -6.29 5.89
N ILE A 205 -0.19 -6.68 7.19
CA ILE A 205 0.74 -6.19 8.21
C ILE A 205 2.19 -6.66 7.93
N TYR A 206 2.34 -7.91 7.53
CA TYR A 206 3.66 -8.48 7.14
C TYR A 206 4.29 -7.60 6.02
N ALA A 207 3.47 -7.30 4.97
CA ALA A 207 3.92 -6.44 3.88
C ALA A 207 4.28 -5.04 4.38
N MET A 208 3.47 -4.45 5.29
CA MET A 208 3.81 -3.15 5.83
C MET A 208 5.16 -3.14 6.55
N GLY A 209 5.47 -4.23 7.25
CA GLY A 209 6.76 -4.38 7.93
C GLY A 209 7.89 -4.30 6.93
N LEU A 210 7.71 -4.94 5.77
CA LEU A 210 8.72 -4.87 4.70
C LEU A 210 8.89 -3.42 4.21
N VAL A 211 7.77 -2.70 4.01
CA VAL A 211 7.81 -1.30 3.59
C VAL A 211 8.54 -0.42 4.65
N PHE A 212 8.30 -0.67 5.95
CA PHE A 212 8.99 0.06 7.03
C PHE A 212 10.52 -0.18 6.95
N TRP A 213 10.93 -1.40 6.62
CA TRP A 213 12.34 -1.72 6.43
C TRP A 213 12.94 -0.88 5.29
N GLU A 214 12.21 -0.75 4.16
CA GLU A 214 12.68 0.05 3.01
C GLU A 214 12.90 1.50 3.41
N ILE A 215 11.98 2.05 4.24
CA ILE A 215 12.05 3.46 4.67
C ILE A 215 13.21 3.68 5.63
N ALA A 216 13.30 2.82 6.66
CA ALA A 216 14.35 2.89 7.69
C ALA A 216 15.76 2.89 7.10
N ARG A 217 16.00 2.08 6.04
CA ARG A 217 17.29 2.06 5.33
C ARG A 217 17.68 3.47 4.85
N ARG A 218 16.68 4.29 4.48
CA ARG A 218 16.94 5.62 3.93
C ARG A 218 16.96 6.72 4.96
N CYS A 219 16.84 6.38 6.24
CA CYS A 219 16.87 7.38 7.30
C CYS A 219 18.33 7.74 7.58
N SER A 220 18.73 8.96 7.19
CA SER A 220 20.11 9.45 7.32
C SER A 220 20.32 10.18 8.67
N ILE A 221 21.20 9.65 9.51
CA ILE A 221 21.57 10.24 10.82
C ILE A 221 23.07 10.45 10.80
N GLY A 222 23.50 11.70 10.96
CA GLY A 222 24.91 12.07 10.92
C GLY A 222 25.57 11.65 9.64
N GLY A 223 24.82 11.76 8.53
CA GLY A 223 25.23 11.40 7.19
C GLY A 223 25.28 9.91 6.90
N ILE A 224 24.88 9.08 7.88
CA ILE A 224 24.93 7.61 7.78
C ILE A 224 23.54 7.03 7.42
N HIS A 225 23.50 6.24 6.34
CA HIS A 225 22.30 5.55 5.84
C HIS A 225 22.71 4.40 4.91
N GLU A 226 21.74 3.53 4.57
CA GLU A 226 21.95 2.40 3.66
C GLU A 226 21.40 2.78 2.29
N ASP A 227 21.90 2.15 1.21
CA ASP A 227 21.37 2.45 -0.12
C ASP A 227 19.96 1.88 -0.26
N TYR A 228 19.20 2.35 -1.28
CA TYR A 228 17.86 1.82 -1.46
C TYR A 228 17.93 0.36 -1.92
N GLN A 229 17.11 -0.52 -1.31
CA GLN A 229 16.94 -1.90 -1.79
C GLN A 229 15.50 -2.35 -1.52
N LEU A 230 15.02 -3.28 -2.35
CA LEU A 230 13.74 -3.91 -2.14
C LEU A 230 13.97 -4.99 -1.08
N PRO A 231 12.96 -5.35 -0.28
CA PRO A 231 13.18 -6.45 0.69
C PRO A 231 13.59 -7.73 -0.03
N TYR A 232 14.53 -8.48 0.58
CA TYR A 232 15.04 -9.75 0.08
C TYR A 232 15.97 -9.59 -1.12
N TYR A 233 16.47 -8.37 -1.39
CA TYR A 233 17.39 -8.11 -2.52
C TYR A 233 18.63 -9.00 -2.46
N ASP A 234 18.97 -9.42 -1.25
CA ASP A 234 20.17 -10.19 -0.89
C ASP A 234 19.94 -11.71 -0.93
N LEU A 235 18.72 -12.14 -1.23
CA LEU A 235 18.33 -13.55 -1.16
C LEU A 235 17.58 -14.14 -2.34
N VAL A 236 16.92 -13.29 -3.15
CA VAL A 236 16.12 -13.77 -4.28
C VAL A 236 16.46 -12.99 -5.53
N PRO A 237 16.22 -13.55 -6.74
CA PRO A 237 16.48 -12.75 -7.95
C PRO A 237 15.40 -11.68 -8.14
N SER A 238 15.58 -10.81 -9.16
CA SER A 238 14.55 -9.83 -9.50
C SER A 238 13.42 -10.67 -10.08
N ASP A 239 12.18 -10.23 -9.91
CA ASP A 239 11.00 -10.98 -10.35
C ASP A 239 11.00 -12.43 -9.75
N PRO A 240 11.10 -12.55 -8.41
CA PRO A 240 11.19 -13.90 -7.80
C PRO A 240 9.90 -14.70 -7.94
N SER A 241 10.01 -16.02 -8.04
CA SER A 241 8.84 -16.88 -8.15
C SER A 241 8.33 -17.17 -6.74
N VAL A 242 7.13 -17.75 -6.64
CA VAL A 242 6.56 -18.13 -5.34
C VAL A 242 7.49 -19.15 -4.68
N GLU A 243 8.00 -20.11 -5.46
CA GLU A 243 8.92 -21.15 -4.93
C GLU A 243 10.19 -20.54 -4.34
N GLU A 244 10.81 -19.57 -5.05
CA GLU A 244 12.02 -18.89 -4.58
C GLU A 244 11.74 -18.16 -3.26
N MET A 245 10.62 -17.44 -3.21
CA MET A 245 10.23 -16.74 -1.97
C MET A 245 9.95 -17.73 -0.83
N ARG A 246 9.17 -18.80 -1.10
CA ARG A 246 8.81 -19.77 -0.06
C ARG A 246 10.06 -20.42 0.58
N LYS A 247 11.04 -20.78 -0.25
CA LYS A 247 12.29 -21.38 0.24
C LYS A 247 13.00 -20.45 1.22
N VAL A 248 12.99 -19.14 0.96
CA VAL A 248 13.65 -18.17 1.85
C VAL A 248 12.81 -17.85 3.10
N VAL A 249 11.54 -17.46 2.87
CA VAL A 249 10.68 -16.95 3.93
C VAL A 249 10.09 -18.05 4.84
N CYS A 250 9.64 -19.17 4.25
CA CYS A 250 8.99 -20.25 4.99
C CYS A 250 9.93 -21.33 5.43
N GLU A 251 10.84 -21.76 4.56
CA GLU A 251 11.72 -22.88 4.89
C GLU A 251 12.94 -22.46 5.69
N GLN A 252 13.70 -21.48 5.17
CA GLN A 252 14.91 -21.02 5.85
C GLN A 252 14.55 -20.03 6.93
N LYS A 253 13.32 -19.48 6.85
CA LYS A 253 12.76 -18.56 7.84
C LYS A 253 13.56 -17.24 7.96
N LEU A 254 14.07 -16.74 6.82
CA LEU A 254 14.80 -15.47 6.86
C LEU A 254 13.87 -14.25 6.67
N ARG A 255 14.33 -13.14 7.14
CA ARG A 255 13.66 -11.85 6.98
C ARG A 255 14.71 -10.79 6.57
N PRO A 256 14.33 -9.59 6.13
CA PRO A 256 15.36 -8.58 5.83
C PRO A 256 16.22 -8.28 7.06
N ASN A 257 17.53 -8.08 6.84
CA ASN A 257 18.49 -7.83 7.92
C ASN A 257 18.26 -6.48 8.57
N ILE A 258 18.29 -6.47 9.91
CA ILE A 258 18.17 -5.27 10.71
C ILE A 258 19.59 -4.87 11.14
N PRO A 259 20.15 -3.80 10.51
CA PRO A 259 21.54 -3.41 10.82
C PRO A 259 21.75 -2.90 12.24
N ASN A 260 22.97 -3.16 12.76
CA ASN A 260 23.40 -2.75 14.10
C ASN A 260 23.19 -1.25 14.37
N ARG A 261 23.44 -0.38 13.35
CA ARG A 261 23.30 1.08 13.51
C ARG A 261 21.88 1.55 13.92
N TRP A 262 20.82 0.73 13.76
CA TRP A 262 19.45 1.09 14.12
C TRP A 262 19.19 1.06 15.64
N GLN A 263 20.09 0.41 16.42
CA GLN A 263 19.99 0.36 17.88
C GLN A 263 20.61 1.62 18.55
N SER A 264 21.27 2.50 17.75
CA SER A 264 21.91 3.73 18.24
C SER A 264 20.96 4.94 18.30
N CYS A 265 19.72 4.77 17.80
CA CYS A 265 18.72 5.82 17.71
C CYS A 265 17.34 5.28 18.15
N GLU A 266 16.66 5.98 19.08
CA GLU A 266 15.36 5.58 19.63
C GLU A 266 14.29 5.35 18.54
N ALA A 267 14.18 6.30 17.59
CA ALA A 267 13.22 6.20 16.48
C ALA A 267 13.48 4.92 15.67
N LEU A 268 14.78 4.64 15.36
CA LEU A 268 15.15 3.42 14.64
C LEU A 268 14.94 2.15 15.49
N ARG A 269 15.14 2.22 16.83
CA ARG A 269 14.88 1.07 17.71
C ARG A 269 13.37 0.73 17.70
N VAL A 270 12.51 1.77 17.70
CA VAL A 270 11.04 1.63 17.69
C VAL A 270 10.62 0.99 16.35
N MET A 271 11.15 1.52 15.22
CA MET A 271 10.89 1.02 13.86
C MET A 271 11.31 -0.44 13.73
N ALA A 272 12.54 -0.78 14.20
CA ALA A 272 13.04 -2.15 14.13
C ALA A 272 12.17 -3.12 14.93
N LYS A 273 11.67 -2.67 16.12
CA LYS A 273 10.81 -3.49 16.95
C LYS A 273 9.49 -3.72 16.19
N ILE A 274 8.90 -2.65 15.59
CA ILE A 274 7.68 -2.77 14.77
C ILE A 274 7.92 -3.83 13.66
N MET A 275 8.98 -3.69 12.86
CA MET A 275 9.29 -4.66 11.81
C MET A 275 9.28 -6.12 12.28
N ARG A 276 10.04 -6.41 13.37
CA ARG A 276 10.12 -7.75 13.93
C ARG A 276 8.74 -8.27 14.30
N GLU A 277 7.89 -7.39 14.87
CA GLU A 277 6.53 -7.74 15.29
C GLU A 277 5.51 -7.79 14.12
N CYS A 278 5.92 -7.34 12.90
CA CYS A 278 5.10 -7.49 11.66
C CYS A 278 5.54 -8.77 10.95
N TRP A 279 6.78 -9.25 11.23
CA TRP A 279 7.36 -10.37 10.50
C TRP A 279 7.20 -11.75 11.09
N TYR A 280 6.50 -11.85 12.23
CA TYR A 280 6.27 -13.16 12.79
C TYR A 280 5.64 -14.06 11.76
N ALA A 281 6.04 -15.32 11.77
CA ALA A 281 5.46 -16.28 10.83
C ALA A 281 3.97 -16.49 11.16
N ASN A 282 3.61 -16.35 12.46
CA ASN A 282 2.25 -16.53 12.90
C ASN A 282 1.53 -15.21 12.83
N GLY A 283 0.63 -15.11 11.85
CA GLY A 283 -0.20 -13.93 11.59
C GLY A 283 -0.90 -13.40 12.83
N ALA A 284 -1.39 -14.32 13.71
CA ALA A 284 -2.06 -13.94 14.98
C ALA A 284 -1.16 -13.18 15.97
N ALA A 285 0.19 -13.35 15.88
CA ALA A 285 1.12 -12.67 16.78
C ALA A 285 1.50 -11.26 16.35
N ARG A 286 1.24 -10.91 15.05
CA ARG A 286 1.59 -9.58 14.53
C ARG A 286 0.83 -8.44 15.17
N LEU A 287 1.42 -7.25 15.17
CA LEU A 287 0.75 -6.05 15.64
C LEU A 287 -0.39 -5.71 14.66
N THR A 288 -1.34 -4.90 15.12
CA THR A 288 -2.40 -4.39 14.25
C THR A 288 -1.94 -3.10 13.68
N ALA A 289 -2.58 -2.65 12.58
CA ALA A 289 -2.23 -1.34 12.01
C ALA A 289 -2.58 -0.27 13.04
N LEU A 290 -3.70 -0.47 13.79
CA LEU A 290 -4.11 0.50 14.81
C LEU A 290 -3.06 0.63 15.91
N ARG A 291 -2.53 -0.50 16.41
CA ARG A 291 -1.47 -0.50 17.44
C ARG A 291 -0.18 0.19 16.92
N ILE A 292 0.21 -0.07 15.65
CA ILE A 292 1.37 0.59 15.04
C ILE A 292 1.15 2.09 14.96
N LYS A 293 -0.05 2.52 14.49
CA LYS A 293 -0.38 3.93 14.40
C LYS A 293 -0.17 4.61 15.77
N LYS A 294 -0.65 3.98 16.84
CA LYS A 294 -0.56 4.48 18.23
C LYS A 294 0.90 4.67 18.66
N THR A 295 1.73 3.62 18.52
CA THR A 295 3.17 3.63 18.83
C THR A 295 3.89 4.74 18.06
N LEU A 296 3.64 4.84 16.73
CA LEU A 296 4.27 5.88 15.96
C LEU A 296 3.76 7.27 16.29
N SER A 297 2.46 7.42 16.64
CA SER A 297 1.88 8.73 17.03
C SER A 297 2.56 9.22 18.32
N GLN A 298 2.79 8.30 19.27
CA GLN A 298 3.50 8.59 20.54
C GLN A 298 4.93 9.05 20.25
N LEU A 299 5.61 8.39 19.28
CA LEU A 299 6.97 8.74 18.86
C LEU A 299 7.02 10.10 18.15
N SER A 300 6.06 10.40 17.24
CA SER A 300 6.04 11.69 16.53
C SER A 300 5.78 12.84 17.52
N GLN A 301 4.93 12.60 18.54
CA GLN A 301 4.62 13.57 19.60
C GLN A 301 5.88 13.90 20.42
N GLN A 302 6.69 12.86 20.73
CA GLN A 302 7.93 12.98 21.49
C GLN A 302 9.01 13.73 20.68
N GLU A 303 9.09 13.46 19.36
CA GLU A 303 10.07 14.08 18.44
C GLU A 303 9.72 15.53 18.06
N GLY A 304 8.44 15.90 18.19
CA GLY A 304 7.93 17.23 17.89
C GLY A 304 7.71 17.52 16.41
N ILE A 305 7.29 16.49 15.64
CA ILE A 305 7.03 16.57 14.20
C ILE A 305 5.84 17.48 13.88
N LYS A 306 6.09 18.56 13.09
#